data_6HBD
#
_entry.id   6HBD
#
_cell.length_a   118.300
_cell.length_b   118.300
_cell.length_c   231.120
_cell.angle_alpha   90.00
_cell.angle_beta   90.00
_cell.angle_gamma   90.00
#
_symmetry.space_group_name_H-M   'I 41 2 2'
#
loop_
_entity.id
_entity.type
_entity.pdbx_description
1 polymer 'ABC transporter periplasmic-binding protein YtfQ'
2 non-polymer 'ZINC ION'
3 non-polymer beta-D-galactofuranose
4 water water
#
_entity_poly.entity_id   1
_entity_poly.type   'polypeptide(L)'
_entity_poly.pdbx_seq_one_letter_code
;MSGKAPGSEGGSAPDGALTLGFAQVGAESGWRTANTESIKSAAEEAGVNLKFADANGEQEKQISAIRSFIQQGVDVIAFS
PVVRTGWDAVLQETKNAGIPVILTDRAVDTQDTDVYKTFIGADFIEEGRRAGQWVADQYASATGPVNIVQLEGTTGADPA
IDRKTGFAEGISKNPNLKIVASQTGDFTRSGGKQVMEAFLKSTPQIDVVFAQNDDMGLGAMEAIEAAGKKPGTDIKIVAV
DATHDGMQALADGKFNYIVECNPLLGPELMDLAKKVAAGEPVPERVVTPDEAFDQAQAKAALPNRQYKLAAALEHHHHHH
;
_entity_poly.pdbx_strand_id   A,B
#
loop_
_chem_comp.id
_chem_comp.type
_chem_comp.name
_chem_comp.formula
GZL D-saccharide, beta linking beta-D-galactofuranose 'C6 H12 O6'
ZN non-polymer 'ZINC ION' 'Zn 2'
#
# COMPACT_ATOMS: atom_id res chain seq x y z
N GLY A 16 -8.98 -16.23 -31.12
CA GLY A 16 -9.73 -14.99 -31.22
C GLY A 16 -10.05 -14.33 -29.87
N ALA A 17 -8.97 -13.85 -29.18
CA ALA A 17 -9.00 -13.21 -27.84
C ALA A 17 -8.22 -11.90 -27.83
N LEU A 18 -8.26 -11.16 -26.68
CA LEU A 18 -7.52 -9.89 -26.53
C LEU A 18 -6.06 -10.01 -27.01
N THR A 19 -5.61 -9.06 -27.82
CA THR A 19 -4.24 -9.04 -28.35
C THR A 19 -3.51 -7.89 -27.67
N LEU A 20 -2.39 -8.22 -27.00
CA LEU A 20 -1.58 -7.25 -26.25
C LEU A 20 -0.18 -7.22 -26.83
N GLY A 21 0.37 -6.02 -26.98
CA GLY A 21 1.74 -5.83 -27.45
C GLY A 21 2.54 -5.23 -26.31
N PHE A 22 3.57 -5.93 -25.83
CA PHE A 22 4.40 -5.41 -24.74
C PHE A 22 5.79 -5.13 -25.24
N ALA A 23 6.30 -3.90 -25.02
CA ALA A 23 7.66 -3.52 -25.43
C ALA A 23 8.59 -3.36 -24.20
N GLN A 24 9.28 -4.45 -23.85
CA GLN A 24 10.20 -4.46 -22.70
C GLN A 24 11.44 -3.65 -22.97
N VAL A 25 12.03 -3.15 -21.87
CA VAL A 25 13.27 -2.39 -21.86
C VAL A 25 14.38 -3.31 -22.43
N GLY A 26 14.72 -4.35 -21.66
CA GLY A 26 15.75 -5.32 -21.99
C GLY A 26 15.81 -6.33 -20.86
N ALA A 27 16.98 -6.96 -20.60
CA ALA A 27 17.17 -7.85 -19.46
C ALA A 27 18.37 -7.41 -18.63
N GLU A 28 18.47 -6.09 -18.39
CA GLU A 28 19.57 -5.48 -17.62
C GLU A 28 19.70 -5.93 -16.11
N SER A 29 18.60 -6.38 -15.44
CA SER A 29 18.63 -6.82 -14.05
C SER A 29 17.74 -8.02 -13.78
N GLY A 30 17.87 -8.56 -12.57
CA GLY A 30 17.03 -9.65 -12.06
C GLY A 30 15.58 -9.22 -12.00
N TRP A 31 15.36 -8.00 -11.50
CA TRP A 31 14.02 -7.39 -11.44
C TRP A 31 13.37 -7.45 -12.83
N ARG A 32 14.12 -7.13 -13.88
CA ARG A 32 13.62 -7.11 -15.26
C ARG A 32 13.25 -8.51 -15.74
N THR A 33 14.16 -9.46 -15.51
CA THR A 33 13.96 -10.84 -15.94
C THR A 33 12.76 -11.43 -15.19
N ALA A 34 12.58 -11.06 -13.90
CA ALA A 34 11.42 -11.48 -13.13
C ALA A 34 10.17 -10.86 -13.72
N ASN A 35 10.23 -9.56 -14.06
CA ASN A 35 9.11 -8.84 -14.67
C ASN A 35 8.72 -9.49 -16.01
N THR A 36 9.73 -9.81 -16.89
CA THR A 36 9.46 -10.44 -18.17
C THR A 36 8.73 -11.76 -17.97
N GLU A 37 9.15 -12.57 -16.99
CA GLU A 37 8.49 -13.85 -16.71
C GLU A 37 7.05 -13.59 -16.23
N SER A 38 6.86 -12.60 -15.32
CA SER A 38 5.53 -12.26 -14.81
C SER A 38 4.59 -11.84 -15.95
N ILE A 39 5.07 -11.04 -16.90
CA ILE A 39 4.22 -10.59 -18.02
C ILE A 39 3.88 -11.75 -18.95
N LYS A 40 4.86 -12.60 -19.28
CA LYS A 40 4.64 -13.75 -20.17
C LYS A 40 3.69 -14.78 -19.51
N SER A 41 4.01 -15.18 -18.27
CA SER A 41 3.19 -16.14 -17.53
C SER A 41 1.75 -15.65 -17.32
N ALA A 42 1.56 -14.39 -16.90
CA ALA A 42 0.24 -13.83 -16.66
C ALA A 42 -0.63 -13.75 -17.89
N ALA A 43 -0.02 -13.55 -19.07
CA ALA A 43 -0.74 -13.48 -20.35
C ALA A 43 -1.33 -14.84 -20.66
N GLU A 44 -0.54 -15.93 -20.50
CA GLU A 44 -0.98 -17.31 -20.77
C GLU A 44 -2.15 -17.68 -19.88
N GLU A 45 -2.03 -17.43 -18.57
CA GLU A 45 -3.11 -17.75 -17.64
C GLU A 45 -4.38 -16.93 -17.88
N ALA A 46 -4.23 -15.67 -18.33
CA ALA A 46 -5.39 -14.81 -18.63
C ALA A 46 -5.97 -15.05 -20.02
N GLY A 47 -5.22 -15.73 -20.89
CA GLY A 47 -5.64 -16.01 -22.26
C GLY A 47 -5.52 -14.79 -23.15
N VAL A 48 -4.42 -14.04 -23.00
CA VAL A 48 -4.14 -12.82 -23.75
C VAL A 48 -3.13 -13.19 -24.83
N ASN A 49 -3.37 -12.76 -26.09
CA ASN A 49 -2.40 -13.03 -27.16
C ASN A 49 -1.29 -11.98 -27.03
N LEU A 50 -0.19 -12.35 -26.37
CA LEU A 50 0.93 -11.45 -26.13
C LEU A 50 1.86 -11.37 -27.32
N LYS A 51 2.23 -10.14 -27.68
CA LYS A 51 3.17 -9.83 -28.73
C LYS A 51 4.31 -9.13 -27.99
N PHE A 52 5.18 -9.94 -27.43
CA PHE A 52 6.30 -9.47 -26.61
C PHE A 52 7.46 -9.00 -27.49
N ALA A 53 8.11 -7.88 -27.10
CA ALA A 53 9.24 -7.30 -27.81
C ALA A 53 10.32 -6.81 -26.83
N ASP A 54 11.59 -7.20 -27.05
CA ASP A 54 12.74 -6.85 -26.20
C ASP A 54 13.62 -5.82 -26.92
N ALA A 55 13.54 -4.55 -26.49
CA ALA A 55 14.34 -3.47 -27.10
C ALA A 55 15.86 -3.57 -26.85
N ASN A 56 16.29 -4.22 -25.77
CA ASN A 56 17.70 -4.43 -25.43
C ASN A 56 18.43 -3.14 -24.95
N GLY A 57 17.73 -2.39 -24.11
CA GLY A 57 18.22 -1.17 -23.47
C GLY A 57 18.36 0.06 -24.35
N GLU A 58 17.70 0.07 -25.53
CA GLU A 58 17.80 1.18 -26.50
C GLU A 58 16.41 1.67 -26.89
N GLN A 59 16.11 2.94 -26.59
CA GLN A 59 14.81 3.58 -26.81
C GLN A 59 14.26 3.48 -28.23
N GLU A 60 15.15 3.53 -29.21
CA GLU A 60 14.78 3.49 -30.64
C GLU A 60 14.14 2.16 -30.99
N LYS A 61 14.55 1.06 -30.31
CA LYS A 61 14.01 -0.27 -30.56
C LYS A 61 12.66 -0.48 -29.82
N GLN A 62 12.39 0.29 -28.73
CA GLN A 62 11.08 0.26 -28.06
C GLN A 62 10.09 1.02 -28.95
N ILE A 63 10.56 2.15 -29.52
CA ILE A 63 9.80 3.01 -30.45
C ILE A 63 9.43 2.21 -31.72
N SER A 64 10.41 1.51 -32.31
CA SER A 64 10.17 0.65 -33.48
C SER A 64 9.16 -0.45 -33.17
N ALA A 65 9.22 -1.00 -31.96
CA ALA A 65 8.32 -2.05 -31.52
C ALA A 65 6.90 -1.52 -31.36
N ILE A 66 6.74 -0.29 -30.82
CA ILE A 66 5.43 0.33 -30.65
C ILE A 66 4.79 0.60 -32.02
N ARG A 67 5.60 1.14 -32.97
CA ARG A 67 5.18 1.40 -34.36
C ARG A 67 4.79 0.11 -35.08
N SER A 68 5.50 -0.99 -34.78
CA SER A 68 5.19 -2.33 -35.32
C SER A 68 3.85 -2.86 -34.77
N PHE A 69 3.54 -2.61 -33.49
CA PHE A 69 2.27 -3.07 -32.90
C PHE A 69 1.06 -2.40 -33.54
N ILE A 70 1.20 -1.13 -33.97
CA ILE A 70 0.11 -0.40 -34.63
C ILE A 70 -0.17 -1.06 -35.99
N GLN A 71 0.89 -1.30 -36.77
CA GLN A 71 0.77 -1.96 -38.08
C GLN A 71 0.19 -3.38 -37.93
N GLN A 72 0.47 -4.11 -36.82
CA GLN A 72 -0.11 -5.46 -36.58
C GLN A 72 -1.61 -5.39 -36.20
N GLY A 73 -2.05 -4.23 -35.72
CA GLY A 73 -3.45 -4.00 -35.39
C GLY A 73 -3.84 -4.63 -34.08
N VAL A 74 -3.03 -4.37 -33.02
CA VAL A 74 -3.27 -4.93 -31.69
C VAL A 74 -4.40 -4.16 -31.01
N ASP A 75 -4.97 -4.73 -29.95
CA ASP A 75 -6.09 -4.11 -29.23
C ASP A 75 -5.61 -3.12 -28.15
N VAL A 76 -4.51 -3.42 -27.45
CA VAL A 76 -3.90 -2.54 -26.43
C VAL A 76 -2.39 -2.66 -26.53
N ILE A 77 -1.65 -1.59 -26.18
CA ILE A 77 -0.18 -1.57 -26.13
C ILE A 77 0.26 -1.19 -24.72
N ALA A 78 1.34 -1.79 -24.27
CA ALA A 78 1.92 -1.49 -22.97
C ALA A 78 3.42 -1.60 -23.09
N PHE A 79 4.15 -0.78 -22.32
CA PHE A 79 5.61 -0.80 -22.36
C PHE A 79 6.16 -0.17 -21.10
N SER A 80 7.48 -0.27 -20.93
CA SER A 80 8.19 0.30 -19.80
C SER A 80 9.10 1.39 -20.37
N PRO A 81 8.68 2.68 -20.36
CA PRO A 81 9.52 3.74 -20.92
C PRO A 81 10.95 3.78 -20.36
N VAL A 82 11.91 3.22 -21.14
CA VAL A 82 13.32 3.17 -20.73
C VAL A 82 13.79 4.50 -20.07
N VAL A 83 13.50 5.64 -20.76
CA VAL A 83 13.78 7.00 -20.27
C VAL A 83 12.50 7.84 -20.40
N ARG A 84 12.38 8.86 -19.54
CA ARG A 84 11.18 9.68 -19.47
C ARG A 84 10.77 10.37 -20.79
N THR A 85 11.75 10.78 -21.60
CA THR A 85 11.58 11.62 -22.80
C THR A 85 11.75 10.93 -24.19
N GLY A 86 11.07 11.48 -25.21
CA GLY A 86 11.16 11.05 -26.61
C GLY A 86 10.05 10.17 -27.14
N TRP A 87 8.85 10.19 -26.49
CA TRP A 87 7.70 9.34 -26.88
C TRP A 87 6.57 10.10 -27.64
N ASP A 88 6.64 11.45 -27.68
CA ASP A 88 5.64 12.34 -28.29
C ASP A 88 4.93 11.78 -29.49
N ALA A 89 5.71 11.51 -30.55
CA ALA A 89 5.22 11.04 -31.85
C ALA A 89 4.60 9.65 -31.76
N VAL A 90 5.32 8.69 -31.14
CA VAL A 90 4.78 7.33 -31.01
C VAL A 90 3.51 7.34 -30.23
N LEU A 91 3.39 8.14 -29.15
CA LEU A 91 2.14 8.15 -28.42
C LEU A 91 1.03 8.82 -29.20
N GLN A 92 1.35 9.80 -30.05
CA GLN A 92 0.32 10.41 -30.91
C GLN A 92 -0.10 9.43 -32.02
N GLU A 93 0.83 8.63 -32.58
CA GLU A 93 0.50 7.59 -33.55
C GLU A 93 -0.50 6.57 -32.94
N THR A 94 -0.30 6.21 -31.65
CA THR A 94 -1.18 5.28 -30.93
C THR A 94 -2.52 5.95 -30.63
N LYS A 95 -2.51 7.24 -30.25
CA LYS A 95 -3.76 7.96 -29.98
C LYS A 95 -4.56 8.05 -31.32
N ASN A 96 -3.85 8.32 -32.45
CA ASN A 96 -4.43 8.40 -33.80
C ASN A 96 -4.94 7.03 -34.27
N ALA A 97 -4.19 5.96 -33.99
CA ALA A 97 -4.59 4.58 -34.31
C ALA A 97 -5.72 4.06 -33.40
N GLY A 98 -5.95 4.71 -32.25
CA GLY A 98 -7.01 4.35 -31.32
C GLY A 98 -6.69 3.16 -30.44
N ILE A 99 -5.38 2.83 -30.27
CA ILE A 99 -4.89 1.72 -29.45
C ILE A 99 -4.59 2.29 -28.04
N PRO A 100 -5.30 1.89 -26.95
CA PRO A 100 -4.97 2.44 -25.63
C PRO A 100 -3.55 2.09 -25.15
N VAL A 101 -2.96 2.91 -24.24
CA VAL A 101 -1.61 2.69 -23.77
C VAL A 101 -1.57 2.55 -22.24
N ILE A 102 -0.79 1.57 -21.72
CA ILE A 102 -0.57 1.37 -20.28
C ILE A 102 0.94 1.42 -20.04
N LEU A 103 1.36 2.23 -19.06
CA LEU A 103 2.77 2.39 -18.70
C LEU A 103 3.03 1.50 -17.50
N THR A 104 4.10 0.66 -17.54
CA THR A 104 4.42 -0.26 -16.45
C THR A 104 5.87 0.00 -15.94
N ASP A 105 6.00 0.16 -14.61
CA ASP A 105 7.22 0.35 -13.82
C ASP A 105 8.10 1.58 -14.16
N ARG A 106 7.74 2.38 -15.19
CA ARG A 106 8.43 3.60 -15.57
C ARG A 106 7.41 4.57 -16.17
N ALA A 107 7.55 5.86 -15.87
CA ALA A 107 6.69 6.91 -16.38
C ALA A 107 7.39 7.70 -17.52
N VAL A 108 6.63 8.60 -18.15
CA VAL A 108 7.06 9.43 -19.26
C VAL A 108 6.98 10.90 -18.87
N ASP A 109 7.54 11.75 -19.75
CA ASP A 109 7.49 13.21 -19.66
C ASP A 109 6.86 13.59 -20.99
N THR A 110 5.53 13.76 -20.99
CA THR A 110 4.79 14.05 -22.20
C THR A 110 4.15 15.43 -22.15
N GLN A 111 4.12 16.09 -23.33
CA GLN A 111 3.59 17.44 -23.54
C GLN A 111 2.18 17.34 -24.17
N ASP A 112 1.55 16.15 -24.15
CA ASP A 112 0.21 15.94 -24.71
C ASP A 112 -0.82 15.49 -23.65
N THR A 113 -2.09 15.55 -24.07
CA THR A 113 -3.25 15.25 -23.24
C THR A 113 -3.79 13.86 -23.60
N ASP A 114 -3.93 13.00 -22.55
CA ASP A 114 -4.45 11.64 -22.65
C ASP A 114 -3.80 10.87 -23.79
N VAL A 115 -2.54 10.47 -23.55
CA VAL A 115 -1.68 9.68 -24.45
C VAL A 115 -1.56 8.21 -23.93
N TYR A 116 -1.76 8.00 -22.58
CA TYR A 116 -1.78 6.70 -21.91
C TYR A 116 -2.90 6.66 -20.85
N LYS A 117 -3.45 5.47 -20.58
CA LYS A 117 -4.58 5.26 -19.67
C LYS A 117 -4.21 5.21 -18.20
N THR A 118 -3.13 4.54 -17.88
CA THR A 118 -2.70 4.39 -16.48
C THR A 118 -1.23 4.08 -16.38
N PHE A 119 -0.67 4.23 -15.14
CA PHE A 119 0.72 3.89 -14.81
C PHE A 119 0.73 2.93 -13.60
N ILE A 120 1.30 1.71 -13.79
CA ILE A 120 1.41 0.69 -12.75
C ILE A 120 2.87 0.72 -12.35
N GLY A 121 3.19 1.07 -11.11
CA GLY A 121 4.59 1.10 -10.68
C GLY A 121 4.69 1.40 -9.21
N ALA A 122 5.90 1.62 -8.66
CA ALA A 122 6.06 1.91 -7.24
C ALA A 122 6.32 3.41 -7.02
N ASP A 123 6.39 3.86 -5.75
CA ASP A 123 6.74 5.25 -5.41
C ASP A 123 8.24 5.23 -5.18
N PHE A 124 8.97 5.43 -6.29
CA PHE A 124 10.45 5.48 -6.36
C PHE A 124 11.06 6.47 -5.39
N ILE A 125 10.42 7.64 -5.22
CA ILE A 125 10.90 8.65 -4.28
C ILE A 125 10.88 8.03 -2.89
N GLU A 126 9.80 7.40 -2.50
CA GLU A 126 9.78 6.78 -1.16
C GLU A 126 10.70 5.59 -1.05
N GLU A 127 10.91 4.83 -2.15
CA GLU A 127 11.90 3.74 -2.10
C GLU A 127 13.25 4.37 -1.72
N GLY A 128 13.59 5.47 -2.39
CA GLY A 128 14.80 6.26 -2.09
C GLY A 128 14.78 6.89 -0.70
N ARG A 129 13.68 7.56 -0.30
CA ARG A 129 13.57 8.18 1.02
C ARG A 129 13.73 7.13 2.12
N ARG A 130 12.99 6.01 2.03
CA ARG A 130 13.10 4.91 3.00
C ARG A 130 14.58 4.42 3.15
N ALA A 131 15.31 4.31 2.00
CA ALA A 131 16.71 3.89 1.99
C ALA A 131 17.57 4.95 2.69
N GLY A 132 17.38 6.23 2.31
CA GLY A 132 18.09 7.36 2.90
C GLY A 132 17.84 7.53 4.38
N GLN A 133 16.58 7.40 4.80
CA GLN A 133 16.21 7.53 6.20
C GLN A 133 16.78 6.39 7.04
N TRP A 134 17.14 5.23 6.41
CA TRP A 134 17.75 4.10 7.14
C TRP A 134 19.18 4.47 7.47
N VAL A 135 19.94 4.95 6.47
CA VAL A 135 21.34 5.40 6.64
C VAL A 135 21.34 6.44 7.80
N ALA A 136 20.47 7.46 7.66
CA ALA A 136 20.30 8.48 8.68
C ALA A 136 20.00 7.90 10.06
N ASP A 137 19.05 6.95 10.16
CA ASP A 137 18.73 6.33 11.46
C ASP A 137 19.92 5.54 12.04
N GLN A 138 20.74 4.89 11.16
CA GLN A 138 21.88 4.11 11.61
C GLN A 138 22.98 5.02 12.18
N TYR A 139 23.39 6.06 11.40
CA TYR A 139 24.43 7.02 11.81
C TYR A 139 23.81 8.21 12.57
N ALA A 140 23.24 7.92 13.75
CA ALA A 140 22.61 8.90 14.62
C ALA A 140 23.64 9.44 15.61
N SER A 141 24.42 8.54 16.24
CA SER A 141 25.46 8.91 17.21
C SER A 141 26.85 9.21 16.57
N ALA A 142 26.95 9.24 15.21
CA ALA A 142 28.21 9.49 14.51
C ALA A 142 28.80 10.85 14.90
N THR A 143 30.06 10.83 15.40
CA THR A 143 30.80 12.04 15.83
C THR A 143 31.69 12.62 14.70
N GLY A 144 31.75 11.91 13.57
CA GLY A 144 32.49 12.36 12.39
C GLY A 144 31.66 12.18 11.14
N PRO A 145 32.18 12.62 9.97
CA PRO A 145 31.42 12.46 8.72
C PRO A 145 31.34 11.00 8.27
N VAL A 146 30.26 10.67 7.53
CA VAL A 146 29.94 9.34 6.99
C VAL A 146 29.85 9.50 5.47
N ASN A 147 30.69 8.77 4.77
CA ASN A 147 30.85 8.88 3.33
C ASN A 147 29.95 7.96 2.58
N ILE A 148 29.03 8.55 1.79
CA ILE A 148 28.07 7.78 1.00
C ILE A 148 28.51 7.83 -0.45
N VAL A 149 28.43 6.69 -1.10
CA VAL A 149 28.71 6.51 -2.51
C VAL A 149 27.35 6.13 -3.10
N GLN A 150 27.06 6.45 -4.38
CA GLN A 150 25.75 6.21 -4.97
C GLN A 150 25.84 5.65 -6.39
N LEU A 151 25.26 4.46 -6.61
CA LEU A 151 25.28 3.84 -7.93
C LEU A 151 23.95 4.18 -8.55
N GLU A 152 23.97 5.09 -9.53
CA GLU A 152 22.76 5.59 -10.18
C GLU A 152 22.31 4.66 -11.30
N GLY A 153 20.99 4.52 -11.47
CA GLY A 153 20.45 3.71 -12.55
C GLY A 153 20.59 4.41 -13.88
N THR A 154 20.11 3.75 -14.95
CA THR A 154 20.12 4.29 -16.32
C THR A 154 19.79 5.78 -16.33
N THR A 155 20.67 6.59 -16.97
CA THR A 155 20.51 8.03 -17.12
C THR A 155 19.21 8.33 -17.86
N GLY A 156 18.27 9.00 -17.19
CA GLY A 156 16.99 9.37 -17.79
C GLY A 156 15.78 8.53 -17.40
N ALA A 157 16.02 7.38 -16.76
CA ALA A 157 14.96 6.48 -16.30
C ALA A 157 14.28 7.07 -15.05
N ASP A 158 12.92 7.01 -15.05
CA ASP A 158 12.03 7.51 -14.00
C ASP A 158 12.45 7.01 -12.62
N PRO A 159 12.67 5.69 -12.37
CA PRO A 159 13.13 5.27 -11.03
C PRO A 159 14.49 5.85 -10.55
N ALA A 160 15.46 6.02 -11.49
CA ALA A 160 16.79 6.52 -11.15
C ALA A 160 16.74 7.95 -10.63
N ILE A 161 16.05 8.84 -11.38
CA ILE A 161 15.88 10.26 -11.02
C ILE A 161 15.19 10.36 -9.66
N ASP A 162 14.03 9.69 -9.53
CA ASP A 162 13.17 9.71 -8.33
C ASP A 162 13.87 9.10 -7.12
N ARG A 163 14.58 7.98 -7.29
CA ARG A 163 15.30 7.36 -6.16
C ARG A 163 16.41 8.27 -5.68
N LYS A 164 17.09 8.98 -6.62
CA LYS A 164 18.15 9.94 -6.28
C LYS A 164 17.57 11.04 -5.39
N THR A 165 16.47 11.67 -5.89
CA THR A 165 15.73 12.74 -5.21
C THR A 165 15.22 12.29 -3.84
N GLY A 166 14.76 11.05 -3.75
CA GLY A 166 14.24 10.49 -2.52
C GLY A 166 15.36 10.23 -1.54
N PHE A 167 16.39 9.48 -1.97
CA PHE A 167 17.54 9.19 -1.11
C PHE A 167 18.08 10.49 -0.53
N ALA A 168 18.29 11.49 -1.42
CA ALA A 168 18.76 12.83 -1.07
C ALA A 168 18.00 13.42 0.13
N GLU A 169 16.66 13.34 0.08
CA GLU A 169 15.81 13.84 1.15
C GLU A 169 15.94 13.05 2.47
N GLY A 170 16.08 11.72 2.40
CA GLY A 170 16.22 10.89 3.60
C GLY A 170 17.47 11.26 4.37
N ILE A 171 18.57 11.47 3.61
CA ILE A 171 19.90 11.87 4.08
C ILE A 171 19.91 13.32 4.67
N SER A 172 19.15 14.24 4.05
CA SER A 172 19.11 15.69 4.36
C SER A 172 19.00 16.10 5.84
N LYS A 173 18.37 15.29 6.70
CA LYS A 173 18.19 15.68 8.10
C LYS A 173 19.37 15.29 9.02
N ASN A 174 20.53 14.88 8.47
CA ASN A 174 21.73 14.55 9.25
C ASN A 174 22.94 15.16 8.52
N PRO A 175 23.65 16.14 9.14
CA PRO A 175 24.75 16.81 8.43
C PRO A 175 26.01 15.98 8.24
N ASN A 176 26.17 14.89 9.02
CA ASN A 176 27.33 14.00 8.90
C ASN A 176 27.28 13.18 7.60
N LEU A 177 26.09 12.96 7.02
CA LEU A 177 25.96 12.18 5.81
C LEU A 177 26.26 13.04 4.56
N LYS A 178 27.16 12.58 3.68
CA LYS A 178 27.49 13.34 2.48
C LYS A 178 27.70 12.38 1.34
N ILE A 179 26.96 12.56 0.25
CA ILE A 179 27.14 11.72 -0.93
C ILE A 179 28.42 12.24 -1.60
N VAL A 180 29.56 11.70 -1.15
CA VAL A 180 30.88 12.09 -1.64
C VAL A 180 31.15 11.65 -3.08
N ALA A 181 30.30 10.79 -3.65
CA ALA A 181 30.44 10.36 -5.04
C ALA A 181 29.09 9.80 -5.51
N SER A 182 28.78 9.89 -6.83
CA SER A 182 27.53 9.38 -7.42
C SER A 182 27.70 9.23 -8.93
N GLN A 183 27.39 8.05 -9.47
CA GLN A 183 27.60 7.83 -10.89
C GLN A 183 26.74 6.68 -11.45
N THR A 184 26.29 6.82 -12.72
CA THR A 184 25.43 5.83 -13.36
C THR A 184 26.14 4.50 -13.54
N GLY A 185 25.40 3.43 -13.26
CA GLY A 185 25.82 2.05 -13.42
C GLY A 185 24.89 1.28 -14.33
N ASP A 186 24.06 1.99 -15.13
CA ASP A 186 23.12 1.45 -16.13
C ASP A 186 22.13 0.34 -15.63
N PHE A 187 21.95 0.22 -14.28
CA PHE A 187 21.11 -0.80 -13.64
C PHE A 187 21.60 -2.27 -13.94
N THR A 188 22.94 -2.45 -14.10
CA THR A 188 23.54 -3.77 -14.36
C THR A 188 24.51 -4.17 -13.26
N ARG A 189 24.80 -5.48 -13.17
CA ARG A 189 25.79 -5.99 -12.22
C ARG A 189 27.19 -5.51 -12.63
N SER A 190 27.54 -5.68 -13.93
CA SER A 190 28.84 -5.26 -14.48
C SER A 190 29.06 -3.77 -14.25
N GLY A 191 28.03 -2.98 -14.59
CA GLY A 191 28.06 -1.53 -14.40
C GLY A 191 28.28 -1.13 -12.96
N GLY A 192 27.68 -1.85 -12.03
CA GLY A 192 27.85 -1.57 -10.60
C GLY A 192 29.24 -1.91 -10.10
N LYS A 193 29.85 -2.95 -10.69
CA LYS A 193 31.20 -3.39 -10.34
C LYS A 193 32.19 -2.29 -10.78
N GLN A 194 32.14 -1.91 -12.07
CA GLN A 194 33.02 -0.90 -12.65
C GLN A 194 33.01 0.37 -11.81
N VAL A 195 31.85 1.00 -11.73
CA VAL A 195 31.76 2.25 -10.99
C VAL A 195 32.24 2.09 -9.53
N MET A 196 32.00 0.93 -8.86
CA MET A 196 32.47 0.73 -7.48
C MET A 196 34.00 0.58 -7.45
N GLU A 197 34.60 -0.17 -8.39
CA GLU A 197 36.07 -0.27 -8.40
C GLU A 197 36.68 1.11 -8.72
N ALA A 198 36.05 1.88 -9.64
CA ALA A 198 36.47 3.24 -9.94
C ALA A 198 36.32 4.17 -8.71
N PHE A 199 35.31 3.95 -7.84
CA PHE A 199 35.11 4.72 -6.60
C PHE A 199 36.09 4.33 -5.51
N LEU A 200 36.49 3.05 -5.49
CA LEU A 200 37.45 2.56 -4.50
C LEU A 200 38.82 3.24 -4.70
N LYS A 201 39.13 3.62 -5.97
CA LYS A 201 40.33 4.38 -6.30
C LYS A 201 40.12 5.83 -5.83
N SER A 202 39.20 6.56 -6.49
CA SER A 202 38.94 7.97 -6.24
C SER A 202 38.61 8.32 -4.78
N THR A 203 37.89 7.46 -4.05
CA THR A 203 37.50 7.76 -2.68
C THR A 203 38.19 6.83 -1.68
N PRO A 204 38.93 7.41 -0.71
CA PRO A 204 39.60 6.55 0.29
C PRO A 204 38.61 6.04 1.35
N GLN A 205 37.93 6.97 2.07
CA GLN A 205 36.98 6.65 3.13
C GLN A 205 35.58 6.49 2.51
N ILE A 206 35.05 5.23 2.48
CA ILE A 206 33.72 4.88 1.99
C ILE A 206 32.99 4.15 3.15
N ASP A 207 31.97 4.79 3.76
CA ASP A 207 31.23 4.18 4.87
C ASP A 207 30.09 3.29 4.40
N VAL A 208 29.36 3.78 3.38
CA VAL A 208 28.16 3.14 2.86
C VAL A 208 27.99 3.43 1.36
N VAL A 209 27.39 2.48 0.63
CA VAL A 209 27.06 2.61 -0.79
C VAL A 209 25.53 2.46 -0.90
N PHE A 210 24.90 3.30 -1.72
CA PHE A 210 23.48 3.25 -1.96
C PHE A 210 23.32 2.89 -3.40
N ALA A 211 22.94 1.63 -3.65
CA ALA A 211 22.72 1.15 -5.00
C ALA A 211 21.25 1.34 -5.32
N GLN A 212 20.93 1.97 -6.46
CA GLN A 212 19.53 2.22 -6.83
C GLN A 212 18.87 0.96 -7.37
N ASN A 213 19.63 -0.14 -7.47
CA ASN A 213 19.11 -1.40 -7.95
C ASN A 213 20.06 -2.43 -7.37
N ASP A 214 19.57 -3.46 -6.67
CA ASP A 214 20.49 -4.36 -5.99
C ASP A 214 21.44 -5.14 -6.94
N ASP A 215 21.18 -5.20 -8.28
CA ASP A 215 22.16 -5.79 -9.19
C ASP A 215 23.45 -4.94 -9.16
N MET A 216 23.31 -3.60 -9.21
CA MET A 216 24.49 -2.72 -9.10
C MET A 216 25.18 -2.88 -7.76
N GLY A 217 24.41 -3.04 -6.70
CA GLY A 217 24.92 -3.28 -5.35
C GLY A 217 25.58 -4.65 -5.21
N LEU A 218 25.20 -5.62 -6.08
CA LEU A 218 25.84 -6.94 -6.08
C LEU A 218 27.22 -6.79 -6.74
N GLY A 219 27.29 -6.13 -7.91
CA GLY A 219 28.57 -5.83 -8.56
C GLY A 219 29.48 -5.03 -7.63
N ALA A 220 28.89 -4.09 -6.91
CA ALA A 220 29.63 -3.31 -5.93
C ALA A 220 30.13 -4.22 -4.80
N MET A 221 29.31 -5.19 -4.34
CA MET A 221 29.68 -6.19 -3.33
C MET A 221 30.89 -6.99 -3.84
N GLU A 222 30.93 -7.42 -5.15
CA GLU A 222 32.09 -8.16 -5.72
C GLU A 222 33.34 -7.29 -5.68
N ALA A 223 33.19 -6.01 -6.04
CA ALA A 223 34.30 -5.05 -6.04
C ALA A 223 34.84 -4.79 -4.62
N ILE A 224 33.98 -4.84 -3.59
CA ILE A 224 34.38 -4.63 -2.20
C ILE A 224 35.19 -5.85 -1.72
N GLU A 225 34.78 -7.06 -2.15
CA GLU A 225 35.45 -8.32 -1.83
C GLU A 225 36.76 -8.45 -2.59
N ALA A 226 36.77 -8.04 -3.87
CA ALA A 226 37.97 -8.02 -4.71
C ALA A 226 39.07 -7.08 -4.17
N ALA A 227 38.67 -6.00 -3.46
CA ALA A 227 39.62 -5.08 -2.83
C ALA A 227 39.79 -5.45 -1.33
N GLY A 228 39.80 -6.77 -1.04
CA GLY A 228 39.98 -7.35 0.29
C GLY A 228 39.36 -6.63 1.48
N LYS A 229 38.11 -6.22 1.30
CA LYS A 229 37.32 -5.50 2.28
C LYS A 229 36.01 -6.32 2.46
N LYS A 230 35.46 -6.33 3.70
CA LYS A 230 34.25 -7.11 4.06
C LYS A 230 32.91 -6.35 3.75
N PRO A 231 32.16 -6.66 2.63
CA PRO A 231 30.92 -5.94 2.37
C PRO A 231 29.89 -6.27 3.41
N GLY A 232 29.12 -5.27 3.81
CA GLY A 232 28.13 -5.41 4.86
C GLY A 232 28.68 -5.21 6.25
N THR A 233 30.01 -5.00 6.40
CA THR A 233 30.66 -4.76 7.68
C THR A 233 31.57 -3.56 7.54
N ASP A 234 32.61 -3.67 6.69
CA ASP A 234 33.54 -2.56 6.48
C ASP A 234 32.79 -1.45 5.73
N ILE A 235 32.18 -1.81 4.56
CA ILE A 235 31.35 -0.89 3.78
C ILE A 235 29.91 -1.45 3.78
N LYS A 236 28.96 -0.63 4.19
CA LYS A 236 27.56 -1.03 4.22
C LYS A 236 26.89 -0.89 2.83
N ILE A 237 25.97 -1.79 2.48
CA ILE A 237 25.25 -1.69 1.21
C ILE A 237 23.78 -1.63 1.54
N VAL A 238 23.06 -0.71 0.83
CA VAL A 238 21.62 -0.52 0.90
C VAL A 238 21.14 -0.35 -0.53
N ALA A 239 20.15 -1.16 -0.93
CA ALA A 239 19.66 -1.10 -2.29
C ALA A 239 18.16 -1.20 -2.39
N VAL A 240 17.66 -0.98 -3.61
CA VAL A 240 16.23 -1.03 -3.95
C VAL A 240 16.03 -2.22 -4.90
N ASP A 241 14.89 -2.91 -4.79
CA ASP A 241 14.44 -4.09 -5.54
C ASP A 241 14.20 -5.28 -4.65
N ALA A 242 15.13 -5.91 -3.94
CA ALA A 242 14.78 -7.17 -3.23
C ALA A 242 14.53 -8.33 -4.24
N THR A 243 15.50 -8.56 -5.14
CA THR A 243 15.61 -9.68 -6.07
C THR A 243 16.04 -10.91 -5.25
N HIS A 244 16.11 -12.09 -5.88
CA HIS A 244 16.49 -13.31 -5.18
C HIS A 244 17.89 -13.17 -4.70
N ASP A 245 18.79 -12.83 -5.61
CA ASP A 245 20.22 -12.67 -5.32
C ASP A 245 20.46 -11.54 -4.31
N GLY A 246 19.78 -10.41 -4.49
CA GLY A 246 19.84 -9.30 -3.54
C GLY A 246 19.42 -9.73 -2.15
N MET A 247 18.25 -10.37 -2.04
CA MET A 247 17.74 -10.86 -0.77
C MET A 247 18.62 -11.92 -0.11
N GLN A 248 19.30 -12.77 -0.93
CA GLN A 248 20.21 -13.79 -0.42
C GLN A 248 21.44 -13.12 0.19
N ALA A 249 21.99 -12.10 -0.48
CA ALA A 249 23.16 -11.35 0.02
C ALA A 249 22.83 -10.72 1.36
N LEU A 250 21.68 -10.03 1.46
CA LEU A 250 21.22 -9.42 2.72
C LEU A 250 21.08 -10.48 3.81
N ALA A 251 20.47 -11.64 3.50
CA ALA A 251 20.30 -12.74 4.45
C ALA A 251 21.65 -13.27 4.96
N ASP A 252 22.70 -13.22 4.11
CA ASP A 252 24.05 -13.66 4.43
C ASP A 252 24.91 -12.60 5.12
N GLY A 253 24.42 -11.37 5.19
CA GLY A 253 25.14 -10.26 5.82
C GLY A 253 25.99 -9.43 4.88
N LYS A 254 26.07 -9.79 3.58
CA LYS A 254 26.85 -9.00 2.61
C LYS A 254 26.16 -7.63 2.29
N PHE A 255 24.81 -7.54 2.39
CA PHE A 255 24.02 -6.29 2.29
C PHE A 255 23.50 -5.97 3.71
N ASN A 256 22.99 -4.74 3.92
CA ASN A 256 22.49 -4.28 5.23
C ASN A 256 20.99 -3.94 5.28
N TYR A 257 20.47 -3.28 4.24
CA TYR A 257 19.07 -2.91 4.14
C TYR A 257 18.63 -3.01 2.69
N ILE A 258 17.43 -3.58 2.43
CA ILE A 258 16.87 -3.66 1.07
C ILE A 258 15.42 -3.16 1.11
N VAL A 259 15.04 -2.37 0.09
CA VAL A 259 13.69 -1.82 -0.05
C VAL A 259 13.12 -2.48 -1.30
N GLU A 260 12.00 -3.22 -1.13
CA GLU A 260 11.33 -4.00 -2.15
C GLU A 260 10.70 -3.17 -3.22
N CYS A 261 10.91 -3.57 -4.48
CA CYS A 261 10.18 -3.01 -5.62
C CYS A 261 9.64 -4.26 -6.29
N ASN A 262 8.33 -4.41 -6.33
CA ASN A 262 7.69 -5.65 -6.77
C ASN A 262 7.63 -5.83 -8.31
N PRO A 263 8.30 -6.86 -8.86
CA PRO A 263 8.25 -7.07 -10.31
C PRO A 263 7.02 -7.78 -10.86
N LEU A 264 6.19 -8.39 -10.00
CA LEU A 264 5.09 -9.24 -10.46
C LEU A 264 3.80 -8.48 -10.86
N LEU A 265 3.93 -7.67 -11.93
CA LEU A 265 2.86 -6.85 -12.50
C LEU A 265 1.97 -7.63 -13.48
N GLY A 266 2.53 -8.67 -14.10
CA GLY A 266 1.83 -9.48 -15.09
C GLY A 266 0.32 -9.58 -14.91
N PRO A 267 -0.15 -10.14 -13.78
CA PRO A 267 -1.59 -10.27 -13.55
C PRO A 267 -2.42 -8.99 -13.65
N GLU A 268 -2.00 -7.87 -12.97
CA GLU A 268 -2.76 -6.60 -13.03
C GLU A 268 -2.68 -5.99 -14.43
N LEU A 269 -1.50 -6.09 -15.08
CA LEU A 269 -1.34 -5.61 -16.45
C LEU A 269 -2.40 -6.23 -17.36
N MET A 270 -2.76 -7.51 -17.16
CA MET A 270 -3.80 -8.13 -17.97
C MET A 270 -5.16 -7.60 -17.57
N ASP A 271 -5.45 -7.58 -16.27
CA ASP A 271 -6.73 -7.11 -15.78
C ASP A 271 -7.04 -5.74 -16.40
N LEU A 272 -6.09 -4.78 -16.27
CA LEU A 272 -6.20 -3.42 -16.82
C LEU A 272 -6.29 -3.45 -18.33
N ALA A 273 -5.48 -4.27 -19.01
CA ALA A 273 -5.55 -4.39 -20.46
C ALA A 273 -6.97 -4.78 -20.93
N LYS A 274 -7.62 -5.71 -20.24
CA LYS A 274 -8.99 -6.11 -20.62
C LYS A 274 -9.98 -4.95 -20.36
N LYS A 275 -9.89 -4.29 -19.16
CA LYS A 275 -10.76 -3.17 -18.76
C LYS A 275 -10.65 -2.04 -19.77
N VAL A 276 -9.42 -1.69 -20.06
CA VAL A 276 -9.08 -0.65 -21.01
C VAL A 276 -9.70 -0.98 -22.37
N ALA A 277 -9.32 -2.13 -22.97
CA ALA A 277 -9.77 -2.60 -24.30
C ALA A 277 -11.29 -2.51 -24.47
N ALA A 278 -12.05 -2.85 -23.41
CA ALA A 278 -13.51 -2.80 -23.42
C ALA A 278 -14.06 -1.39 -23.04
N GLY A 279 -13.23 -0.35 -23.16
CA GLY A 279 -13.60 1.03 -22.85
C GLY A 279 -14.07 1.28 -21.43
N GLU A 280 -13.58 0.50 -20.46
CA GLU A 280 -13.96 0.64 -19.04
C GLU A 280 -12.95 1.59 -18.38
N PRO A 281 -13.40 2.60 -17.61
CA PRO A 281 -12.43 3.50 -16.97
C PRO A 281 -11.54 2.79 -15.96
N VAL A 282 -10.22 3.06 -16.03
CA VAL A 282 -9.23 2.50 -15.12
C VAL A 282 -8.59 3.66 -14.36
N PRO A 283 -8.15 3.48 -13.09
CA PRO A 283 -7.53 4.62 -12.38
C PRO A 283 -6.28 5.09 -13.11
N GLU A 284 -5.93 6.37 -12.97
CA GLU A 284 -4.76 6.96 -13.65
C GLU A 284 -3.44 6.40 -13.10
N ARG A 285 -3.42 6.02 -11.81
CA ARG A 285 -2.25 5.45 -11.20
C ARG A 285 -2.60 4.18 -10.46
N VAL A 286 -1.70 3.20 -10.52
CA VAL A 286 -1.81 1.95 -9.77
C VAL A 286 -0.46 1.83 -9.11
N VAL A 287 -0.38 2.13 -7.81
CA VAL A 287 0.91 2.14 -7.12
C VAL A 287 1.09 0.81 -6.36
N THR A 288 2.14 0.03 -6.76
CA THR A 288 2.45 -1.28 -6.18
C THR A 288 3.10 -1.02 -4.85
N PRO A 289 2.82 -1.85 -3.81
CA PRO A 289 3.40 -1.57 -2.49
C PRO A 289 4.85 -1.95 -2.36
N ASP A 290 5.44 -1.50 -1.24
CA ASP A 290 6.84 -1.73 -0.91
C ASP A 290 6.98 -2.02 0.58
N GLU A 291 8.05 -2.71 0.92
CA GLU A 291 8.45 -3.03 2.28
C GLU A 291 9.96 -3.09 2.28
N ALA A 292 10.56 -3.08 3.46
CA ALA A 292 12.00 -3.12 3.55
C ALA A 292 12.45 -4.19 4.52
N PHE A 293 13.68 -4.68 4.33
CA PHE A 293 14.24 -5.76 5.14
C PHE A 293 15.65 -5.44 5.61
N ASP A 294 15.93 -5.83 6.86
CA ASP A 294 17.27 -5.83 7.45
C ASP A 294 17.74 -7.29 7.16
N GLN A 295 18.83 -7.77 7.74
CA GLN A 295 19.26 -9.15 7.47
C GLN A 295 18.28 -10.20 8.03
N ALA A 296 17.94 -10.16 9.33
CA ALA A 296 17.02 -11.13 9.94
C ALA A 296 15.69 -11.23 9.19
N GLN A 297 15.18 -10.07 8.72
CA GLN A 297 13.93 -10.00 7.97
C GLN A 297 14.08 -10.68 6.62
N ALA A 298 15.24 -10.48 5.93
CA ALA A 298 15.53 -11.16 4.65
C ALA A 298 15.40 -12.70 4.78
N LYS A 299 15.96 -13.27 5.89
CA LYS A 299 15.97 -14.71 6.22
C LYS A 299 14.56 -15.21 6.26
N ALA A 300 13.68 -14.51 7.00
CA ALA A 300 12.29 -14.95 7.13
C ALA A 300 11.46 -14.71 5.89
N ALA A 301 11.84 -13.72 5.06
CA ALA A 301 11.10 -13.34 3.85
C ALA A 301 11.42 -14.19 2.63
N LEU A 302 12.57 -14.90 2.63
CA LEU A 302 12.98 -15.71 1.48
C LEU A 302 12.11 -16.91 1.16
N PRO A 303 11.58 -17.65 2.15
CA PRO A 303 10.82 -18.87 1.89
C PRO A 303 9.82 -18.85 0.71
N ASN A 304 8.51 -18.68 0.87
CA ASN A 304 7.66 -18.78 -0.31
C ASN A 304 7.48 -17.39 -0.87
N ARG A 305 8.57 -16.90 -1.47
CA ARG A 305 8.70 -15.53 -1.92
C ARG A 305 7.72 -15.09 -2.96
N GLN A 306 7.66 -15.82 -4.07
CA GLN A 306 6.80 -15.45 -5.20
C GLN A 306 5.31 -15.46 -4.84
N TYR A 307 4.91 -16.18 -3.77
CA TYR A 307 3.54 -16.21 -3.27
C TYR A 307 3.28 -14.94 -2.45
N LYS A 308 4.21 -14.61 -1.57
CA LYS A 308 4.16 -13.42 -0.72
C LYS A 308 4.17 -12.15 -1.59
N LEU A 309 4.94 -12.14 -2.68
CA LEU A 309 4.98 -11.00 -3.60
C LEU A 309 3.63 -10.82 -4.32
N ALA A 310 3.09 -11.92 -4.84
CA ALA A 310 1.79 -11.89 -5.51
C ALA A 310 0.69 -11.44 -4.56
N ALA A 311 0.81 -11.76 -3.25
CA ALA A 311 -0.12 -11.32 -2.23
C ALA A 311 0.02 -9.84 -2.01
N ALA A 312 1.31 -9.33 -1.90
CA ALA A 312 1.61 -7.90 -1.75
C ALA A 312 1.01 -7.07 -2.91
N LEU A 313 1.04 -7.55 -4.16
CA LEU A 313 0.50 -6.76 -5.25
C LEU A 313 -1.02 -6.59 -5.18
N GLU A 314 -1.73 -7.58 -4.62
CA GLU A 314 -3.18 -7.47 -4.42
C GLU A 314 -3.49 -6.37 -3.39
N HIS A 315 -2.48 -5.84 -2.66
CA HIS A 315 -2.67 -4.73 -1.74
C HIS A 315 -2.21 -3.40 -2.36
N HIS A 316 -2.13 -3.33 -3.72
CA HIS A 316 -1.81 -2.08 -4.39
C HIS A 316 -2.95 -1.07 -4.11
N HIS A 317 -2.69 0.23 -4.34
CA HIS A 317 -3.69 1.27 -4.18
C HIS A 317 -3.74 2.13 -5.43
N HIS A 318 -4.83 2.90 -5.60
CA HIS A 318 -4.96 3.78 -6.74
C HIS A 318 -4.90 5.21 -6.30
N HIS A 319 -4.64 6.07 -7.28
CA HIS A 319 -4.78 7.51 -7.19
C HIS A 319 -5.82 7.82 -8.25
N HIS A 320 -6.92 8.44 -7.82
CA HIS A 320 -8.03 8.74 -8.74
C HIS A 320 -8.06 10.19 -9.25
N GLY B 16 9.54 0.63 33.91
CA GLY B 16 9.72 0.22 32.51
C GLY B 16 10.44 1.23 31.65
N ALA B 17 11.08 0.75 30.55
CA ALA B 17 11.83 1.59 29.60
C ALA B 17 10.88 2.52 28.85
N LEU B 18 9.81 1.95 28.24
CA LEU B 18 8.79 2.75 27.55
C LEU B 18 7.43 2.44 28.14
N THR B 19 6.69 3.51 28.47
CA THR B 19 5.35 3.42 29.04
C THR B 19 4.38 4.02 28.04
N LEU B 20 3.37 3.23 27.62
CA LEU B 20 2.38 3.61 26.62
C LEU B 20 1.02 3.55 27.25
N GLY B 21 0.20 4.54 26.92
CA GLY B 21 -1.19 4.61 27.33
C GLY B 21 -2.06 4.47 26.13
N PHE B 22 -2.94 3.47 26.10
CA PHE B 22 -3.84 3.34 24.97
C PHE B 22 -5.27 3.48 25.43
N ALA B 23 -6.05 4.38 24.80
CA ALA B 23 -7.46 4.56 25.14
C ALA B 23 -8.38 4.03 24.03
N GLN B 24 -8.81 2.77 24.15
CA GLN B 24 -9.67 2.12 23.15
C GLN B 24 -11.09 2.64 23.23
N VAL B 25 -11.87 2.30 22.20
CA VAL B 25 -13.31 2.60 22.12
C VAL B 25 -13.95 1.32 22.78
N GLY B 26 -15.19 0.98 22.48
CA GLY B 26 -15.80 -0.24 23.00
C GLY B 26 -15.46 -1.44 22.13
N ALA B 27 -15.83 -2.64 22.59
CA ALA B 27 -15.61 -3.89 21.85
C ALA B 27 -16.82 -4.10 20.97
N GLU B 28 -17.10 -3.11 20.13
CA GLU B 28 -18.29 -3.04 19.29
C GLU B 28 -18.33 -4.11 18.23
N SER B 29 -17.16 -4.37 17.63
CA SER B 29 -17.05 -5.29 16.50
C SER B 29 -15.88 -6.25 16.64
N GLY B 30 -15.85 -7.23 15.73
CA GLY B 30 -14.77 -8.19 15.60
C GLY B 30 -13.45 -7.48 15.32
N TRP B 31 -13.49 -6.47 14.41
CA TRP B 31 -12.33 -5.64 14.09
C TRP B 31 -11.72 -5.06 15.36
N ARG B 32 -12.56 -4.49 16.23
CA ARG B 32 -12.06 -3.88 17.46
C ARG B 32 -11.49 -4.93 18.41
N THR B 33 -12.15 -6.06 18.57
CA THR B 33 -11.62 -7.09 19.48
C THR B 33 -10.29 -7.60 18.91
N ALA B 34 -10.18 -7.70 17.57
CA ALA B 34 -8.93 -8.10 16.94
C ALA B 34 -7.87 -7.02 17.18
N ASN B 35 -8.25 -5.74 17.03
CA ASN B 35 -7.36 -4.59 17.26
C ASN B 35 -6.91 -4.55 18.72
N THR B 36 -7.80 -4.79 19.69
CA THR B 36 -7.42 -4.80 21.11
C THR B 36 -6.39 -5.90 21.36
N GLU B 37 -6.58 -7.10 20.78
CA GLU B 37 -5.62 -8.20 20.95
C GLU B 37 -4.28 -7.82 20.30
N SER B 38 -4.32 -7.23 19.09
CA SER B 38 -3.09 -6.81 18.39
C SER B 38 -2.31 -5.79 19.22
N ILE B 39 -2.99 -4.81 19.85
CA ILE B 39 -2.31 -3.79 20.65
C ILE B 39 -1.72 -4.40 21.94
N LYS B 40 -2.47 -5.27 22.62
CA LYS B 40 -1.99 -5.91 23.85
C LYS B 40 -0.82 -6.87 23.55
N SER B 41 -0.99 -7.77 22.58
CA SER B 41 0.04 -8.72 22.19
C SER B 41 1.31 -8.03 21.72
N ALA B 42 1.20 -7.01 20.85
CA ALA B 42 2.38 -6.30 20.31
C ALA B 42 3.16 -5.57 21.37
N ALA B 43 2.49 -5.08 22.44
CA ALA B 43 3.16 -4.38 23.54
C ALA B 43 4.04 -5.35 24.31
N GLU B 44 3.49 -6.54 24.61
CA GLU B 44 4.20 -7.59 25.36
C GLU B 44 5.47 -8.02 24.61
N GLU B 45 5.36 -8.30 23.30
CA GLU B 45 6.51 -8.71 22.48
C GLU B 45 7.56 -7.59 22.31
N ALA B 46 7.12 -6.32 22.25
CA ALA B 46 8.01 -5.17 22.11
C ALA B 46 8.61 -4.73 23.45
N GLY B 47 8.03 -5.17 24.57
CA GLY B 47 8.48 -4.81 25.90
C GLY B 47 8.06 -3.40 26.28
N VAL B 48 6.81 -3.04 25.93
CA VAL B 48 6.23 -1.73 26.19
C VAL B 48 5.33 -1.89 27.40
N ASN B 49 5.41 -0.96 28.39
CA ASN B 49 4.53 -1.03 29.55
C ASN B 49 3.20 -0.39 29.12
N LEU B 50 2.22 -1.24 28.73
CA LEU B 50 0.93 -0.76 28.24
C LEU B 50 -0.01 -0.45 29.38
N LYS B 51 -0.67 0.71 29.28
CA LYS B 51 -1.68 1.16 30.22
C LYS B 51 -2.93 1.25 29.35
N PHE B 52 -3.58 0.10 29.20
CA PHE B 52 -4.75 -0.03 28.35
C PHE B 52 -6.02 0.46 29.06
N ALA B 53 -6.90 1.17 28.34
CA ALA B 53 -8.14 1.71 28.87
C ALA B 53 -9.28 1.56 27.86
N ASP B 54 -10.46 1.09 28.32
CA ASP B 54 -11.64 0.92 27.48
C ASP B 54 -12.62 2.07 27.75
N ALA B 55 -13.50 2.35 26.78
CA ALA B 55 -14.48 3.43 26.86
C ALA B 55 -15.92 3.00 26.50
N ASN B 56 -16.18 1.68 26.37
CA ASN B 56 -17.46 1.05 25.98
C ASN B 56 -18.33 1.94 25.04
N GLY B 57 -17.68 2.65 24.10
CA GLY B 57 -18.36 3.52 23.15
C GLY B 57 -18.76 4.92 23.57
N GLU B 58 -18.22 5.49 24.70
CA GLU B 58 -18.54 6.87 25.15
C GLU B 58 -17.30 7.77 25.23
N GLN B 59 -17.28 8.84 24.42
CA GLN B 59 -16.17 9.79 24.30
C GLN B 59 -15.60 10.35 25.62
N GLU B 60 -16.45 10.58 26.65
CA GLU B 60 -15.92 11.16 27.90
C GLU B 60 -14.97 10.20 28.59
N LYS B 61 -15.27 8.88 28.57
CA LYS B 61 -14.39 7.85 29.15
C LYS B 61 -13.00 7.91 28.50
N GLN B 62 -12.93 8.20 27.19
CA GLN B 62 -11.67 8.35 26.49
C GLN B 62 -10.91 9.61 26.93
N ILE B 63 -11.57 10.80 26.98
CA ILE B 63 -10.88 12.06 27.37
C ILE B 63 -10.49 12.02 28.88
N SER B 64 -11.20 11.25 29.70
CA SER B 64 -10.85 11.07 31.11
C SER B 64 -9.66 10.10 31.19
N ALA B 65 -9.67 9.00 30.35
CA ALA B 65 -8.55 8.06 30.29
C ALA B 65 -7.29 8.79 29.83
N ILE B 66 -7.42 9.72 28.87
CA ILE B 66 -6.28 10.51 28.39
C ILE B 66 -5.75 11.43 29.50
N ARG B 67 -6.63 12.12 30.27
CA ARG B 67 -6.16 12.98 31.37
C ARG B 67 -5.53 12.11 32.45
N SER B 68 -6.10 10.89 32.70
CA SER B 68 -5.51 9.96 33.67
C SER B 68 -4.07 9.58 33.27
N PHE B 69 -3.80 9.38 31.97
CA PHE B 69 -2.45 9.03 31.50
C PHE B 69 -1.44 10.15 31.75
N ILE B 70 -1.89 11.43 31.68
CA ILE B 70 -1.00 12.58 31.92
C ILE B 70 -0.61 12.58 33.41
N GLN B 71 -1.61 12.43 34.31
CA GLN B 71 -1.36 12.36 35.75
C GLN B 71 -0.46 11.17 36.11
N GLN B 72 -0.58 10.03 35.38
CA GLN B 72 0.29 8.85 35.59
C GLN B 72 1.74 9.21 35.26
N GLY B 73 1.95 10.03 34.23
CA GLY B 73 3.26 10.43 33.76
C GLY B 73 3.82 9.43 32.76
N VAL B 74 2.99 9.09 31.73
CA VAL B 74 3.38 8.14 30.69
C VAL B 74 4.32 8.83 29.70
N ASP B 75 5.02 8.06 28.87
CA ASP B 75 5.98 8.59 27.90
C ASP B 75 5.29 8.99 26.58
N VAL B 76 4.28 8.18 26.13
CA VAL B 76 3.52 8.42 24.89
C VAL B 76 2.07 7.98 25.09
N ILE B 77 1.12 8.70 24.44
CA ILE B 77 -0.31 8.36 24.51
C ILE B 77 -0.81 8.08 23.08
N ALA B 78 -1.72 7.11 22.96
CA ALA B 78 -2.34 6.78 21.69
C ALA B 78 -3.77 6.38 21.96
N PHE B 79 -4.65 6.64 21.01
CA PHE B 79 -6.07 6.32 21.15
C PHE B 79 -6.73 6.28 19.79
N SER B 80 -7.99 5.82 19.76
CA SER B 80 -8.79 5.75 18.55
C SER B 80 -9.95 6.73 18.74
N PRO B 81 -9.84 7.97 18.22
CA PRO B 81 -10.93 8.96 18.42
C PRO B 81 -12.31 8.44 17.99
N VAL B 82 -13.14 8.01 18.97
CA VAL B 82 -14.49 7.49 18.71
C VAL B 82 -15.24 8.34 17.65
N VAL B 83 -15.24 9.68 17.83
CA VAL B 83 -15.82 10.66 16.89
C VAL B 83 -14.79 11.78 16.65
N ARG B 84 -15.00 12.59 15.61
CA ARG B 84 -14.05 13.65 15.26
C ARG B 84 -14.10 14.92 16.13
N THR B 85 -15.20 15.20 16.87
CA THR B 85 -15.32 16.44 17.64
C THR B 85 -15.22 16.30 19.16
N GLY B 86 -14.48 17.22 19.79
CA GLY B 86 -14.37 17.29 21.24
C GLY B 86 -13.06 16.91 21.91
N TRP B 87 -11.92 17.01 21.19
CA TRP B 87 -10.59 16.68 21.73
C TRP B 87 -9.68 17.91 21.76
N ASP B 88 -10.22 19.10 21.44
CA ASP B 88 -9.40 20.32 21.27
C ASP B 88 -8.57 20.69 22.52
N ALA B 89 -9.23 20.85 23.68
CA ALA B 89 -8.54 21.20 24.94
C ALA B 89 -7.80 20.00 25.57
N VAL B 90 -8.25 18.78 25.27
CA VAL B 90 -7.68 17.55 25.81
C VAL B 90 -6.25 17.45 25.26
N LEU B 91 -6.16 17.51 23.94
CA LEU B 91 -4.91 17.46 23.19
C LEU B 91 -4.01 18.63 23.54
N GLN B 92 -4.59 19.82 23.82
CA GLN B 92 -3.80 21.00 24.21
C GLN B 92 -3.18 20.79 25.59
N GLU B 93 -3.88 20.13 26.55
CA GLU B 93 -3.29 19.87 27.86
C GLU B 93 -2.23 18.76 27.76
N THR B 94 -2.33 17.86 26.75
CA THR B 94 -1.29 16.83 26.49
C THR B 94 -0.07 17.59 25.89
N LYS B 95 -0.35 18.58 25.00
CA LYS B 95 0.65 19.46 24.37
C LYS B 95 1.44 20.13 25.48
N ASN B 96 0.71 20.67 26.49
CA ASN B 96 1.26 21.35 27.67
C ASN B 96 2.08 20.42 28.56
N ALA B 97 1.61 19.14 28.70
CA ALA B 97 2.32 18.12 29.48
C ALA B 97 3.61 17.64 28.77
N GLY B 98 3.73 17.90 27.47
CA GLY B 98 4.91 17.55 26.69
C GLY B 98 4.96 16.09 26.28
N ILE B 99 3.77 15.53 26.00
CA ILE B 99 3.64 14.14 25.64
C ILE B 99 3.19 14.01 24.18
N PRO B 100 3.87 13.18 23.34
CA PRO B 100 3.39 13.01 21.96
C PRO B 100 2.13 12.17 21.92
N VAL B 101 1.34 12.35 20.87
CA VAL B 101 0.08 11.65 20.64
C VAL B 101 0.10 10.93 19.28
N ILE B 102 -0.42 9.69 19.21
CA ILE B 102 -0.55 8.91 17.97
C ILE B 102 -2.02 8.52 17.84
N LEU B 103 -2.61 8.79 16.67
CA LEU B 103 -4.01 8.46 16.37
C LEU B 103 -4.02 7.17 15.60
N THR B 104 -4.91 6.22 15.97
CA THR B 104 -4.98 4.92 15.33
C THR B 104 -6.40 4.63 14.88
N ASP B 105 -6.54 4.19 13.62
CA ASP B 105 -7.76 3.76 12.95
C ASP B 105 -8.93 4.76 12.94
N ARG B 106 -8.74 5.98 13.49
CA ARG B 106 -9.71 7.06 13.45
C ARG B 106 -8.96 8.39 13.57
N ALA B 107 -9.42 9.40 12.83
CA ALA B 107 -8.84 10.76 12.85
C ALA B 107 -9.75 11.73 13.65
N VAL B 108 -9.35 13.03 13.73
CA VAL B 108 -10.09 14.09 14.43
C VAL B 108 -10.23 15.36 13.56
N ASP B 109 -10.94 16.39 14.10
CA ASP B 109 -11.12 17.68 13.44
C ASP B 109 -9.96 18.59 13.88
N THR B 110 -9.07 18.86 12.89
CA THR B 110 -7.78 19.55 12.94
C THR B 110 -7.70 20.70 14.00
N GLN B 111 -8.34 21.89 13.75
CA GLN B 111 -8.31 23.08 14.63
C GLN B 111 -6.86 23.56 14.75
N ASP B 112 -6.23 23.41 15.93
CA ASP B 112 -4.83 23.81 16.17
C ASP B 112 -3.91 22.67 15.78
N THR B 113 -2.65 22.98 15.40
CA THR B 113 -1.71 21.94 14.99
C THR B 113 -0.52 21.77 15.99
N ASP B 114 0.31 20.72 15.73
CA ASP B 114 1.42 20.22 16.54
C ASP B 114 0.87 19.58 17.84
N VAL B 115 -0.45 19.20 17.80
CA VAL B 115 -1.20 18.60 18.91
C VAL B 115 -1.00 17.08 18.97
N TYR B 116 -0.44 16.49 17.89
CA TYR B 116 -0.22 15.06 17.71
C TYR B 116 0.96 14.83 16.74
N LYS B 117 1.29 13.57 16.45
CA LYS B 117 2.46 13.25 15.64
C LYS B 117 2.16 12.45 14.36
N THR B 118 1.20 11.48 14.38
CA THR B 118 0.86 10.72 13.17
C THR B 118 -0.49 10.04 13.30
N PHE B 119 -1.05 9.58 12.15
CA PHE B 119 -2.29 8.84 12.07
C PHE B 119 -2.07 7.51 11.30
N ILE B 120 -2.34 6.35 11.97
CA ILE B 120 -2.21 4.99 11.43
C ILE B 120 -3.59 4.52 11.12
N GLY B 121 -3.93 4.33 9.88
CA GLY B 121 -5.29 3.86 9.57
C GLY B 121 -5.41 3.55 8.11
N ALA B 122 -6.62 3.25 7.63
CA ALA B 122 -6.78 2.95 6.20
C ALA B 122 -7.38 4.15 5.46
N ASP B 123 -7.50 4.06 4.11
CA ASP B 123 -8.16 5.10 3.31
C ASP B 123 -9.60 4.66 3.19
N PHE B 124 -10.39 5.09 4.20
CA PHE B 124 -11.84 4.81 4.33
C PHE B 124 -12.64 5.21 3.11
N ILE B 125 -12.27 6.35 2.49
CA ILE B 125 -12.94 6.82 1.28
C ILE B 125 -12.74 5.74 0.20
N GLU B 126 -11.50 5.25 0.00
CA GLU B 126 -11.27 4.21 -1.02
C GLU B 126 -11.94 2.88 -0.62
N GLU B 127 -12.02 2.56 0.69
CA GLU B 127 -12.72 1.34 1.10
C GLU B 127 -14.16 1.45 0.60
N GLY B 128 -14.78 2.60 0.83
CA GLY B 128 -16.10 2.89 0.29
C GLY B 128 -16.12 2.89 -1.23
N ARG B 129 -15.18 3.61 -1.85
CA ARG B 129 -15.11 3.73 -3.31
C ARG B 129 -15.00 2.38 -4.01
N ARG B 130 -14.27 1.46 -3.40
CA ARG B 130 -14.06 0.13 -3.94
C ARG B 130 -15.33 -0.69 -3.80
N ALA B 131 -16.04 -0.48 -2.67
CA ALA B 131 -17.30 -1.16 -2.44
C ALA B 131 -18.35 -0.65 -3.43
N GLY B 132 -18.47 0.68 -3.56
CA GLY B 132 -19.39 1.33 -4.49
C GLY B 132 -19.11 0.98 -5.94
N GLN B 133 -17.83 0.99 -6.35
CA GLN B 133 -17.45 0.66 -7.72
C GLN B 133 -17.72 -0.82 -8.04
N TRP B 134 -17.84 -1.70 -7.01
CA TRP B 134 -18.17 -3.11 -7.26
C TRP B 134 -19.62 -3.23 -7.63
N VAL B 135 -20.52 -2.59 -6.83
CA VAL B 135 -21.96 -2.55 -7.08
C VAL B 135 -22.15 -2.04 -8.54
N ALA B 136 -21.53 -0.89 -8.84
CA ALA B 136 -21.55 -0.30 -10.16
C ALA B 136 -21.07 -1.28 -11.24
N ASP B 137 -19.94 -1.96 -11.04
CA ASP B 137 -19.44 -2.94 -12.02
C ASP B 137 -20.41 -4.12 -12.22
N GLN B 138 -21.09 -4.56 -11.13
CA GLN B 138 -22.02 -5.69 -11.21
C GLN B 138 -23.27 -5.31 -12.01
N TYR B 139 -23.92 -4.18 -11.66
CA TYR B 139 -25.12 -3.69 -12.34
C TYR B 139 -24.77 -2.77 -13.52
N ALA B 140 -24.10 -3.35 -14.53
CA ALA B 140 -23.66 -2.66 -15.74
C ALA B 140 -24.75 -2.76 -16.80
N SER B 141 -25.29 -3.97 -17.02
CA SER B 141 -26.35 -4.23 -18.01
C SER B 141 -27.78 -4.03 -17.45
N ALA B 142 -27.95 -3.54 -16.19
CA ALA B 142 -29.25 -3.31 -15.58
C ALA B 142 -30.12 -2.37 -16.42
N THR B 143 -31.32 -2.87 -16.80
CA THR B 143 -32.33 -2.17 -17.62
C THR B 143 -33.29 -1.32 -16.76
N GLY B 144 -33.29 -1.54 -15.44
CA GLY B 144 -34.13 -0.82 -14.49
C GLY B 144 -33.34 -0.35 -13.30
N PRO B 145 -33.98 0.38 -12.36
CA PRO B 145 -33.25 0.85 -11.18
C PRO B 145 -32.88 -0.28 -10.21
N VAL B 146 -31.78 -0.06 -9.45
CA VAL B 146 -31.20 -1.00 -8.47
C VAL B 146 -31.20 -0.25 -7.12
N ASN B 147 -31.94 -0.78 -6.13
CA ASN B 147 -32.07 -0.12 -4.82
C ASN B 147 -30.98 -0.56 -3.84
N ILE B 148 -30.40 0.43 -3.11
CA ILE B 148 -29.31 0.23 -2.15
C ILE B 148 -29.70 0.82 -0.80
N VAL B 149 -29.35 0.12 0.28
CA VAL B 149 -29.59 0.64 1.62
C VAL B 149 -28.26 0.65 2.39
N GLN B 150 -27.99 1.69 3.17
CA GLN B 150 -26.72 1.87 3.89
C GLN B 150 -26.79 1.65 5.41
N LEU B 151 -26.00 0.70 5.93
CA LEU B 151 -25.90 0.54 7.37
C LEU B 151 -24.69 1.40 7.74
N GLU B 152 -24.93 2.58 8.29
CA GLU B 152 -23.90 3.55 8.63
C GLU B 152 -23.27 3.22 9.98
N GLY B 153 -22.01 3.54 10.14
CA GLY B 153 -21.33 3.33 11.40
C GLY B 153 -21.69 4.41 12.40
N THR B 154 -21.05 4.33 13.57
CA THR B 154 -21.25 5.31 14.64
C THR B 154 -21.27 6.73 14.07
N THR B 155 -22.32 7.50 14.41
CA THR B 155 -22.52 8.89 14.00
C THR B 155 -21.34 9.75 14.51
N GLY B 156 -20.55 10.29 13.58
CA GLY B 156 -19.42 11.15 13.92
C GLY B 156 -18.05 10.52 13.80
N ALA B 157 -17.99 9.17 13.64
CA ALA B 157 -16.74 8.43 13.48
C ALA B 157 -16.19 8.64 12.06
N ASP B 158 -14.86 8.89 12.00
CA ASP B 158 -14.08 9.14 10.77
C ASP B 158 -14.33 8.08 9.70
N PRO B 159 -14.22 6.74 9.99
CA PRO B 159 -14.55 5.73 8.95
C PRO B 159 -15.96 5.78 8.38
N ALA B 160 -16.96 6.08 9.22
CA ALA B 160 -18.36 6.11 8.80
C ALA B 160 -18.66 7.22 7.78
N ILE B 161 -18.21 8.45 8.10
CA ILE B 161 -18.37 9.62 7.24
C ILE B 161 -17.68 9.37 5.89
N ASP B 162 -16.38 8.99 5.94
CA ASP B 162 -15.52 8.75 4.77
C ASP B 162 -16.02 7.60 3.92
N ARG B 163 -16.45 6.48 4.54
CA ARG B 163 -16.98 5.34 3.76
C ARG B 163 -18.27 5.72 3.04
N LYS B 164 -19.10 6.56 3.69
CA LYS B 164 -20.36 7.06 3.09
C LYS B 164 -20.01 7.85 1.83
N THR B 165 -19.11 8.85 1.99
CA THR B 165 -18.62 9.73 0.92
C THR B 165 -17.97 8.93 -0.20
N GLY B 166 -17.22 7.90 0.19
CA GLY B 166 -16.53 6.99 -0.71
C GLY B 166 -17.47 6.15 -1.52
N PHE B 167 -18.37 5.43 -0.83
CA PHE B 167 -19.39 4.58 -1.47
C PHE B 167 -20.19 5.42 -2.46
N ALA B 168 -20.65 6.60 -1.99
CA ALA B 168 -21.41 7.56 -2.79
C ALA B 168 -20.75 7.82 -4.16
N GLU B 169 -19.43 8.07 -4.16
CA GLU B 169 -18.66 8.32 -5.37
C GLU B 169 -18.55 7.09 -6.29
N GLY B 170 -18.38 5.89 -5.73
CA GLY B 170 -18.29 4.67 -6.53
C GLY B 170 -19.56 4.43 -7.32
N ILE B 171 -20.72 4.61 -6.66
CA ILE B 171 -22.03 4.43 -7.30
C ILE B 171 -22.40 5.59 -8.27
N SER B 172 -21.88 6.83 -8.06
CA SER B 172 -22.16 8.03 -8.87
C SER B 172 -22.08 7.89 -10.40
N LYS B 173 -21.25 6.99 -10.94
CA LYS B 173 -21.10 6.85 -12.39
C LYS B 173 -22.12 5.89 -13.06
N ASN B 174 -23.18 5.47 -12.33
CA ASN B 174 -24.24 4.63 -12.88
C ASN B 174 -25.58 5.20 -12.38
N PRO B 175 -26.45 5.69 -13.28
CA PRO B 175 -27.71 6.32 -12.84
C PRO B 175 -28.75 5.36 -12.29
N ASN B 176 -28.65 4.05 -12.59
CA ASN B 176 -29.59 3.04 -12.09
C ASN B 176 -29.42 2.80 -10.59
N LEU B 177 -28.23 3.09 -10.03
CA LEU B 177 -27.98 2.86 -8.61
C LEU B 177 -28.51 4.03 -7.76
N LYS B 178 -29.16 3.75 -6.60
CA LYS B 178 -29.64 4.83 -5.69
C LYS B 178 -29.78 4.40 -4.21
N ILE B 179 -29.36 5.30 -3.32
CA ILE B 179 -29.42 5.14 -1.87
C ILE B 179 -30.86 5.40 -1.35
N VAL B 180 -31.73 4.36 -1.43
CA VAL B 180 -33.13 4.49 -1.02
C VAL B 180 -33.26 4.85 0.47
N ALA B 181 -32.40 4.28 1.34
CA ALA B 181 -32.38 4.63 2.77
C ALA B 181 -30.99 4.41 3.40
N SER B 182 -30.76 5.02 4.57
CA SER B 182 -29.45 5.01 5.22
C SER B 182 -29.54 5.49 6.68
N GLN B 183 -28.94 4.77 7.65
CA GLN B 183 -28.98 5.15 9.07
C GLN B 183 -27.97 4.36 9.92
N THR B 184 -27.47 5.03 10.98
CA THR B 184 -26.52 4.54 11.99
C THR B 184 -26.90 3.18 12.63
N GLY B 185 -26.02 2.17 12.49
CA GLY B 185 -26.11 0.86 13.14
C GLY B 185 -25.03 0.73 14.21
N ASP B 186 -24.43 1.85 14.63
CA ASP B 186 -23.41 1.97 15.69
C ASP B 186 -22.19 1.02 15.59
N PHE B 187 -21.89 0.45 14.40
CA PHE B 187 -20.79 -0.51 14.19
C PHE B 187 -20.97 -1.82 15.01
N THR B 188 -22.24 -2.26 15.24
CA THR B 188 -22.51 -3.50 16.00
C THR B 188 -23.34 -4.50 15.20
N ARG B 189 -23.36 -5.77 15.65
CA ARG B 189 -24.16 -6.83 14.99
C ARG B 189 -25.63 -6.63 15.34
N SER B 190 -25.92 -6.29 16.62
CA SER B 190 -27.28 -6.02 17.07
C SER B 190 -27.85 -4.81 16.32
N GLY B 191 -27.07 -3.73 16.27
CA GLY B 191 -27.44 -2.50 15.57
C GLY B 191 -27.72 -2.72 14.10
N GLY B 192 -26.93 -3.58 13.45
CA GLY B 192 -27.13 -3.91 12.05
C GLY B 192 -28.38 -4.69 11.81
N LYS B 193 -28.77 -5.56 12.76
CA LYS B 193 -30.03 -6.33 12.66
C LYS B 193 -31.22 -5.42 13.03
N GLN B 194 -31.08 -4.62 14.11
CA GLN B 194 -32.09 -3.68 14.62
C GLN B 194 -32.39 -2.56 13.61
N VAL B 195 -31.40 -2.15 12.79
CA VAL B 195 -31.59 -1.11 11.77
C VAL B 195 -31.85 -1.77 10.39
N MET B 196 -31.47 -3.06 10.18
CA MET B 196 -31.85 -3.74 8.94
C MET B 196 -33.32 -4.13 9.04
N GLU B 197 -33.80 -4.54 10.26
CA GLU B 197 -35.20 -4.88 10.47
C GLU B 197 -36.06 -3.59 10.36
N ALA B 198 -35.55 -2.45 10.89
CA ALA B 198 -36.21 -1.14 10.74
C ALA B 198 -36.33 -0.72 9.25
N PHE B 199 -35.34 -1.03 8.41
CA PHE B 199 -35.44 -0.70 6.97
C PHE B 199 -36.33 -1.68 6.22
N LEU B 200 -36.43 -2.94 6.68
CA LEU B 200 -37.30 -3.92 6.04
C LEU B 200 -38.77 -3.47 6.15
N LYS B 201 -39.09 -2.71 7.23
CA LYS B 201 -40.40 -2.10 7.43
C LYS B 201 -40.54 -0.91 6.47
N SER B 202 -39.76 0.16 6.71
CA SER B 202 -39.81 1.41 5.95
C SER B 202 -39.65 1.25 4.43
N THR B 203 -38.79 0.32 3.97
CA THR B 203 -38.55 0.15 2.54
C THR B 203 -39.10 -1.19 2.02
N PRO B 204 -39.97 -1.17 1.00
CA PRO B 204 -40.49 -2.43 0.45
C PRO B 204 -39.48 -3.15 -0.45
N GLN B 205 -39.10 -2.58 -1.62
CA GLN B 205 -38.11 -3.26 -2.46
C GLN B 205 -36.69 -2.85 -2.02
N ILE B 206 -35.76 -3.83 -1.95
CA ILE B 206 -34.35 -3.63 -1.59
C ILE B 206 -33.51 -4.67 -2.39
N ASP B 207 -32.60 -4.20 -3.29
CA ASP B 207 -31.82 -5.08 -4.18
C ASP B 207 -30.37 -5.34 -3.72
N VAL B 208 -29.74 -4.39 -2.99
CA VAL B 208 -28.36 -4.49 -2.48
C VAL B 208 -28.26 -3.78 -1.14
N VAL B 209 -27.37 -4.24 -0.27
CA VAL B 209 -27.13 -3.58 1.02
C VAL B 209 -25.61 -3.34 1.13
N PHE B 210 -25.22 -2.19 1.69
CA PHE B 210 -23.84 -1.79 1.88
C PHE B 210 -23.64 -1.54 3.36
N ALA B 211 -22.99 -2.50 4.02
CA ALA B 211 -22.69 -2.37 5.45
C ALA B 211 -21.32 -1.74 5.58
N GLN B 212 -21.19 -0.68 6.37
CA GLN B 212 -19.91 -0.01 6.55
C GLN B 212 -18.97 -0.78 7.47
N ASN B 213 -19.44 -1.92 8.00
CA ASN B 213 -18.66 -2.76 8.90
C ASN B 213 -19.33 -4.12 8.79
N ASP B 214 -18.60 -5.20 8.48
CA ASP B 214 -19.26 -6.47 8.24
C ASP B 214 -20.02 -7.04 9.47
N ASP B 215 -19.79 -6.53 10.71
CA ASP B 215 -20.61 -6.96 11.85
C ASP B 215 -22.06 -6.50 11.60
N MET B 216 -22.25 -5.23 11.15
CA MET B 216 -23.58 -4.73 10.81
C MET B 216 -24.19 -5.54 9.67
N GLY B 217 -23.38 -5.89 8.68
CA GLY B 217 -23.80 -6.73 7.55
C GLY B 217 -24.11 -8.16 7.95
N LEU B 218 -23.54 -8.64 9.08
CA LEU B 218 -23.85 -9.96 9.59
C LEU B 218 -25.25 -9.90 10.26
N GLY B 219 -25.47 -8.94 11.16
CA GLY B 219 -26.77 -8.66 11.77
C GLY B 219 -27.85 -8.42 10.72
N ALA B 220 -27.49 -7.76 9.60
CA ALA B 220 -28.39 -7.55 8.48
C ALA B 220 -28.71 -8.88 7.82
N MET B 221 -27.72 -9.77 7.54
CA MET B 221 -28.11 -11.06 6.93
C MET B 221 -28.98 -11.88 7.89
N GLU B 222 -28.85 -11.70 9.23
CA GLU B 222 -29.71 -12.39 10.19
C GLU B 222 -31.17 -11.86 10.06
N ALA B 223 -31.33 -10.51 9.96
CA ALA B 223 -32.60 -9.82 9.74
C ALA B 223 -33.23 -10.18 8.37
N ILE B 224 -32.43 -10.49 7.33
CA ILE B 224 -32.97 -10.87 6.01
C ILE B 224 -33.34 -12.37 6.05
N GLU B 225 -32.70 -13.14 6.93
CA GLU B 225 -33.03 -14.54 7.17
C GLU B 225 -34.42 -14.56 7.90
N ALA B 226 -34.52 -13.75 9.03
CA ALA B 226 -35.70 -13.60 9.89
C ALA B 226 -36.95 -13.14 9.11
N ALA B 227 -36.76 -12.35 8.04
CA ALA B 227 -37.84 -11.93 7.15
C ALA B 227 -37.87 -12.89 5.89
N GLY B 228 -37.70 -14.19 6.15
CA GLY B 228 -37.74 -15.27 5.17
C GLY B 228 -37.17 -15.06 3.79
N LYS B 229 -35.89 -14.66 3.68
CA LYS B 229 -35.20 -14.57 2.38
C LYS B 229 -33.73 -14.97 2.52
N LYS B 230 -33.11 -15.46 1.41
CA LYS B 230 -31.74 -15.97 1.38
C LYS B 230 -30.69 -14.87 1.05
N PRO B 231 -29.64 -14.68 1.88
CA PRO B 231 -28.67 -13.63 1.58
C PRO B 231 -27.66 -14.10 0.54
N GLY B 232 -27.14 -13.13 -0.22
CA GLY B 232 -26.16 -13.37 -1.26
C GLY B 232 -26.69 -13.79 -2.62
N THR B 233 -28.02 -14.00 -2.72
CA THR B 233 -28.65 -14.38 -4.00
C THR B 233 -29.86 -13.49 -4.24
N ASP B 234 -30.88 -13.56 -3.36
CA ASP B 234 -32.09 -12.73 -3.52
C ASP B 234 -31.75 -11.24 -3.28
N ILE B 235 -31.11 -10.90 -2.14
CA ILE B 235 -30.63 -9.54 -1.88
C ILE B 235 -29.10 -9.67 -1.69
N LYS B 236 -28.29 -8.76 -2.27
CA LYS B 236 -26.82 -8.82 -2.20
C LYS B 236 -26.25 -7.92 -1.12
N ILE B 237 -25.18 -8.40 -0.49
CA ILE B 237 -24.55 -7.71 0.65
C ILE B 237 -23.04 -7.57 0.42
N VAL B 238 -22.54 -6.33 0.67
CA VAL B 238 -21.13 -5.96 0.59
C VAL B 238 -20.77 -5.14 1.82
N ALA B 239 -19.56 -5.39 2.36
CA ALA B 239 -19.13 -4.72 3.56
C ALA B 239 -17.65 -4.43 3.59
N VAL B 240 -17.24 -3.67 4.61
CA VAL B 240 -15.86 -3.26 4.84
C VAL B 240 -15.41 -3.94 6.16
N ASP B 241 -14.12 -4.33 6.23
CA ASP B 241 -13.41 -5.02 7.33
C ASP B 241 -13.05 -6.39 6.83
N ALA B 242 -12.12 -7.16 7.26
CA ALA B 242 -12.24 -8.53 6.71
C ALA B 242 -12.20 -9.39 7.93
N THR B 243 -13.35 -9.43 8.70
CA THR B 243 -13.28 -10.17 9.95
C THR B 243 -13.39 -11.66 9.65
N HIS B 244 -13.19 -12.51 10.68
CA HIS B 244 -13.26 -13.96 10.49
C HIS B 244 -14.65 -14.33 10.07
N ASP B 245 -15.63 -13.87 10.86
CA ASP B 245 -17.05 -14.16 10.61
C ASP B 245 -17.51 -13.56 9.28
N GLY B 246 -17.12 -12.31 9.01
CA GLY B 246 -17.41 -11.68 7.73
C GLY B 246 -16.87 -12.49 6.55
N MET B 247 -15.60 -12.85 6.62
CA MET B 247 -14.95 -13.64 5.58
C MET B 247 -15.55 -15.04 5.41
N GLN B 248 -16.02 -15.65 6.51
CA GLN B 248 -16.67 -16.97 6.47
C GLN B 248 -18.00 -16.88 5.74
N ALA B 249 -18.80 -15.82 6.03
CA ALA B 249 -20.10 -15.59 5.36
C ALA B 249 -19.88 -15.44 3.86
N LEU B 250 -18.92 -14.60 3.44
CA LEU B 250 -18.59 -14.41 2.03
C LEU B 250 -18.17 -15.74 1.40
N ALA B 251 -17.31 -16.53 2.06
CA ALA B 251 -16.88 -17.83 1.56
C ALA B 251 -18.05 -18.80 1.35
N ASP B 252 -19.09 -18.69 2.21
CA ASP B 252 -20.32 -19.50 2.15
C ASP B 252 -21.38 -18.98 1.18
N GLY B 253 -21.18 -17.78 0.62
CA GLY B 253 -22.13 -17.19 -0.30
C GLY B 253 -23.16 -16.27 0.32
N LYS B 254 -23.20 -16.14 1.66
CA LYS B 254 -24.16 -15.25 2.32
C LYS B 254 -23.80 -13.75 2.07
N PHE B 255 -22.50 -13.40 1.86
CA PHE B 255 -22.04 -12.05 1.47
C PHE B 255 -21.57 -12.17 -0.01
N ASN B 256 -21.36 -11.02 -0.68
CA ASN B 256 -20.94 -11.00 -2.10
C ASN B 256 -19.56 -10.37 -2.37
N TYR B 257 -19.24 -9.27 -1.67
CA TYR B 257 -17.96 -8.58 -1.81
C TYR B 257 -17.56 -8.05 -0.46
N ILE B 258 -16.26 -8.19 -0.07
CA ILE B 258 -15.74 -7.64 1.18
C ILE B 258 -14.44 -6.88 0.86
N VAL B 259 -14.28 -5.70 1.50
CA VAL B 259 -13.11 -4.83 1.35
C VAL B 259 -12.43 -4.83 2.72
N GLU B 260 -11.17 -5.31 2.75
CA GLU B 260 -10.36 -5.49 3.94
C GLU B 260 -9.98 -4.20 4.61
N CYS B 261 -10.11 -4.14 5.93
CA CYS B 261 -9.58 -3.05 6.74
C CYS B 261 -8.78 -3.81 7.79
N ASN B 262 -7.47 -3.59 7.82
CA ASN B 262 -6.55 -4.34 8.64
C ASN B 262 -6.56 -3.95 10.12
N PRO B 263 -6.96 -4.84 11.04
CA PRO B 263 -6.89 -4.47 12.47
C PRO B 263 -5.53 -4.62 13.13
N LEU B 264 -4.59 -5.34 12.51
CA LEU B 264 -3.32 -5.66 13.16
C LEU B 264 -2.30 -4.50 13.15
N LEU B 265 -2.71 -3.41 13.84
CA LEU B 265 -1.92 -2.20 13.94
C LEU B 265 -0.88 -2.32 15.00
N GLY B 266 -1.14 -3.12 16.06
CA GLY B 266 -0.26 -3.28 17.24
C GLY B 266 1.23 -3.08 17.04
N PRO B 267 1.91 -3.97 16.24
CA PRO B 267 3.35 -3.85 16.00
C PRO B 267 3.83 -2.49 15.51
N GLU B 268 3.12 -1.92 14.50
CA GLU B 268 3.45 -0.61 13.96
C GLU B 268 3.21 0.49 14.99
N LEU B 269 2.25 0.30 15.91
CA LEU B 269 2.04 1.27 16.96
C LEU B 269 3.28 1.32 17.88
N MET B 270 3.78 0.16 18.34
CA MET B 270 4.95 0.12 19.23
C MET B 270 6.22 0.68 18.55
N ASP B 271 6.38 0.47 17.23
CA ASP B 271 7.53 1.01 16.49
C ASP B 271 7.48 2.55 16.53
N LEU B 272 6.33 3.15 16.14
CA LEU B 272 6.13 4.61 16.12
C LEU B 272 6.20 5.18 17.53
N ALA B 273 5.59 4.52 18.52
CA ALA B 273 5.66 4.96 19.92
C ALA B 273 7.12 5.08 20.39
N LYS B 274 7.99 4.13 20.05
CA LYS B 274 9.41 4.23 20.43
C LYS B 274 10.10 5.37 19.72
N LYS B 275 9.86 5.54 18.42
CA LYS B 275 10.48 6.62 17.63
C LYS B 275 10.01 8.01 18.11
N VAL B 276 8.70 8.17 18.34
CA VAL B 276 8.14 9.45 18.79
C VAL B 276 8.59 9.80 20.24
N ALA B 277 8.73 8.78 21.12
CA ALA B 277 9.25 8.96 22.48
C ALA B 277 10.70 9.44 22.49
N ALA B 278 11.55 8.90 21.59
CA ALA B 278 12.96 9.28 21.48
C ALA B 278 13.20 10.53 20.60
N GLY B 279 12.15 11.32 20.36
CA GLY B 279 12.22 12.54 19.57
C GLY B 279 12.63 12.37 18.12
N GLU B 280 12.37 11.17 17.53
CA GLU B 280 12.70 10.94 16.12
C GLU B 280 11.47 11.30 15.29
N PRO B 281 11.67 11.94 14.12
CA PRO B 281 10.52 12.30 13.27
C PRO B 281 9.82 11.10 12.65
N VAL B 282 8.48 11.07 12.71
CA VAL B 282 7.66 10.00 12.14
C VAL B 282 6.78 10.60 11.05
N PRO B 283 6.42 9.86 9.96
CA PRO B 283 5.55 10.47 8.93
C PRO B 283 4.22 10.89 9.53
N GLU B 284 3.58 11.91 8.93
CA GLU B 284 2.29 12.41 9.44
C GLU B 284 1.14 11.41 9.24
N ARG B 285 1.19 10.62 8.14
CA ARG B 285 0.17 9.61 7.79
C ARG B 285 0.84 8.27 7.56
N VAL B 286 0.27 7.19 8.12
CA VAL B 286 0.70 5.81 7.91
C VAL B 286 -0.56 5.14 7.43
N VAL B 287 -0.66 4.88 6.13
CA VAL B 287 -1.82 4.28 5.49
C VAL B 287 -1.63 2.76 5.39
N THR B 288 -2.47 1.98 6.13
CA THR B 288 -2.43 0.51 6.11
C THR B 288 -3.11 0.07 4.81
N PRO B 289 -2.65 -1.00 4.15
CA PRO B 289 -3.24 -1.37 2.87
C PRO B 289 -4.56 -2.08 2.98
N ASP B 290 -5.22 -2.21 1.81
CA ASP B 290 -6.51 -2.87 1.68
C ASP B 290 -6.54 -3.69 0.39
N GLU B 291 -7.40 -4.69 0.40
CA GLU B 291 -7.66 -5.59 -0.72
C GLU B 291 -9.12 -5.99 -0.59
N ALA B 292 -9.66 -6.56 -1.66
CA ALA B 292 -11.06 -6.97 -1.64
C ALA B 292 -11.23 -8.38 -2.12
N PHE B 293 -12.31 -9.04 -1.68
CA PHE B 293 -12.58 -10.44 -2.01
C PHE B 293 -14.02 -10.65 -2.47
N ASP B 294 -14.18 -11.54 -3.46
CA ASP B 294 -15.46 -12.06 -3.92
C ASP B 294 -15.58 -13.37 -3.11
N GLN B 295 -16.49 -14.31 -3.49
CA GLN B 295 -16.68 -15.58 -2.79
C GLN B 295 -15.40 -16.47 -2.88
N ALA B 296 -15.01 -16.81 -4.11
CA ALA B 296 -13.87 -17.68 -4.39
C ALA B 296 -12.56 -17.17 -3.76
N GLN B 297 -12.37 -15.85 -3.75
CA GLN B 297 -11.19 -15.20 -3.17
C GLN B 297 -11.18 -15.36 -1.67
N ALA B 298 -12.31 -15.10 -1.02
CA ALA B 298 -12.41 -15.25 0.44
C ALA B 298 -12.17 -16.71 0.87
N LYS B 299 -12.37 -17.67 -0.05
CA LYS B 299 -12.12 -19.10 0.20
C LYS B 299 -10.60 -19.32 0.30
N ALA B 300 -9.84 -18.85 -0.71
CA ALA B 300 -8.38 -18.97 -0.77
C ALA B 300 -7.65 -18.09 0.27
N ALA B 301 -8.29 -17.00 0.69
CA ALA B 301 -7.73 -16.05 1.65
C ALA B 301 -7.90 -16.43 3.10
N LEU B 302 -8.85 -17.31 3.40
CA LEU B 302 -9.18 -17.66 4.78
C LEU B 302 -8.10 -18.49 5.50
N PRO B 303 -7.33 -19.40 4.82
CA PRO B 303 -6.35 -20.24 5.50
C PRO B 303 -5.45 -19.55 6.55
N ASN B 304 -4.20 -19.16 6.31
CA ASN B 304 -3.41 -18.61 7.41
C ASN B 304 -3.59 -17.12 7.41
N ARG B 305 -4.78 -16.69 7.82
CA ARG B 305 -5.19 -15.30 7.73
C ARG B 305 -4.36 -14.33 8.53
N GLN B 306 -4.20 -14.57 9.82
CA GLN B 306 -3.49 -13.64 10.69
C GLN B 306 -2.01 -13.45 10.30
N TYR B 307 -1.43 -14.40 9.56
CA TYR B 307 -0.06 -14.31 9.03
C TYR B 307 -0.06 -13.40 7.81
N LYS B 308 -1.02 -13.63 6.90
CA LYS B 308 -1.19 -12.87 5.68
C LYS B 308 -1.52 -11.40 6.00
N LEU B 309 -2.32 -11.17 7.05
CA LEU B 309 -2.65 -9.80 7.47
C LEU B 309 -1.42 -9.08 8.02
N ALA B 310 -0.66 -9.75 8.89
CA ALA B 310 0.55 -9.17 9.45
C ALA B 310 1.56 -8.85 8.34
N ALA B 311 1.59 -9.67 7.26
CA ALA B 311 2.45 -9.44 6.12
C ALA B 311 1.96 -8.21 5.36
N ALA B 312 0.62 -8.10 5.13
CA ALA B 312 0.00 -6.95 4.45
C ALA B 312 0.31 -5.63 5.16
N LEU B 313 0.30 -5.61 6.51
CA LEU B 313 0.57 -4.36 7.21
C LEU B 313 2.01 -3.86 6.98
N GLU B 314 2.99 -4.77 6.84
CA GLU B 314 4.38 -4.41 6.56
C GLU B 314 4.49 -3.74 5.18
N HIS B 315 3.43 -3.78 4.35
CA HIS B 315 3.41 -3.10 3.06
C HIS B 315 2.62 -1.78 3.12
N HIS B 316 2.47 -1.21 4.34
CA HIS B 316 1.82 0.09 4.50
C HIS B 316 2.70 1.14 3.77
N HIS B 317 2.13 2.34 3.50
CA HIS B 317 2.86 3.44 2.88
C HIS B 317 2.65 4.70 3.70
N HIS B 318 3.51 5.70 3.50
CA HIS B 318 3.40 6.98 4.20
C HIS B 318 3.02 8.05 3.21
N HIS B 319 2.45 9.14 3.75
CA HIS B 319 2.20 10.40 3.03
C HIS B 319 3.06 11.38 3.86
N HIS B 320 4.10 11.98 3.24
CA HIS B 320 5.07 12.87 3.91
C HIS B 320 4.76 14.38 3.73
ZN ZN C . 16.57 -16.78 -8.36
ZN ZN D . 6.78 -7.77 0.13
ZN ZN E . 2.92 16.16 -29.16
ZN ZN F . 8.29 9.53 -11.31
ZN ZN G . -6.83 -1.88 -8.12
ZN ZN H . -10.06 2.55 -6.63
ZN ZN I . -0.56 6.81 -2.96
ZN ZN J . 7.48 -19.08 -17.65
ZN ZN K . -6.93 14.50 -16.94
C6 GZL L . 11.40 0.01 -11.31
C5 GZL L . 11.97 -0.58 -12.58
C4 GZL L . 13.49 -0.65 -12.56
C3 GZL L . 14.08 -1.51 -11.44
C2 GZL L . 15.43 -1.87 -12.04
O6 GZL L . 10.00 0.22 -11.46
O5 GZL L . 11.50 0.13 -13.74
O4 GZL L . 13.96 -1.29 -13.76
O3 GZL L . 14.24 -0.85 -10.20
C1 GZL L . 15.04 -2.19 -13.48
O2 GZL L . 16.05 -2.99 -11.43
O1 GZL L . 16.19 -1.86 -14.17
H61 GZL L . 11.81 1.00 -11.12
H62 GZL L . 11.61 -0.60 -10.43
HO6 GZL L . 9.53 -0.38 -10.81
H5 GZL L . 11.57 -1.58 -12.78
H4 GZL L . 13.88 0.36 -12.50
HO5 GZL L . 10.84 0.82 -13.48
H3 GZL L . 13.48 -2.41 -11.28
HO3 GZL L . 14.28 -1.62 -9.57
H2 GZL L . 16.08 -1.01 -11.96
H1 GZL L . 14.67 -3.18 -13.69
HO2 GZL L . 15.44 -3.38 -10.76
HO1 GZL L . 16.00 -1.89 -15.14
ZN ZN M . -10.58 11.41 6.98
ZN ZN N . -4.97 -8.80 3.00
ZN ZN O . -1.53 7.24 -0.10
ZN ZN P . 8.49 7.23 4.54
ZN ZN Q . 6.27 3.01 7.96
ZN ZN R . -16.10 -17.01 14.31
C6 GZL S . -11.56 1.30 10.95
C5 GZL S . -11.95 1.10 12.41
C4 GZL S . -13.43 0.76 12.57
C3 GZL S . -13.88 -0.54 11.93
C2 GZL S . -15.09 -0.89 12.79
O6 GZL S . -10.27 1.89 10.85
O5 GZL S . -11.59 2.25 13.18
O4 GZL S . -13.74 0.61 13.96
O3 GZL S . -14.19 -0.38 10.54
C1 GZL S . -14.50 -0.58 14.17
O2 GZL S . -15.59 -2.22 12.64
O1 GZL S . -15.45 -0.41 15.19
H61 GZL S . -12.23 2.00 10.47
H62 GZL S . -11.61 0.36 10.40
HO6 GZL S . -9.67 1.25 10.38
H5 GZL S . -11.35 0.33 12.88
H4 GZL S . -14.02 1.60 12.18
HO5 GZL S . -12.17 2.34 13.98
H3 GZL S . -13.12 -1.31 12.01
HO3 GZL S . -13.98 -1.28 10.18
H2 GZL S . -15.90 -0.20 12.55
H1 GZL S . -13.75 -1.31 14.49
HO2 GZL S . -14.88 -2.77 12.20
HO1 GZL S . -15.57 -1.28 15.67
#